data_1GQC
#
_entry.id   1GQC
#
_cell.length_a   45.944
_cell.length_b   130.996
_cell.length_c   48.148
_cell.angle_alpha   90.00
_cell.angle_beta   102.31
_cell.angle_gamma   90.00
#
_symmetry.space_group_name_H-M   'P 1 21 1'
#
loop_
_entity.id
_entity.type
_entity.pdbx_description
1 polymer '3-DEOXY-MANNO-OCTULOSONATE CYTIDYLYLTRANSFERASE'
2 non-polymer 'MAGNESIUM ION'
3 non-polymer "CYTIDINE 5'-MONOPHOSPHATE 3-DEOXY-BETA-D-GULO-OCT-2-ULO-PYRANOSONIC ACID"
4 non-polymer "CYTIDINE-5'-MONOPHOSPHATE"
5 water water
#
_entity_poly.entity_id   1
_entity_poly.type   'polypeptide(L)'
_entity_poly.pdbx_seq_one_letter_code
;SKAVIVIPARYGSSRLPGKPLLDIVGKPMIQHVYERALQVAGVAEVWVATDDPRVEQAVQAFGGKAIMTRNDHESGTDRL
VEVMHKVEADIYINLQGDEPMIRPRDVETLLQGMRDDPALPVATLCHAISAAEAAEPSTVKVVVNTRQDALYFSRSPIPY
PRNAEKARYLKHVGIYAYRRDVLQNYSQLPESMPEQAESLEQLRLMNAGINIRTFEVAATGPGVDTPACLEKVRALMAQE
LAENA
;
_entity_poly.pdbx_strand_id   A,B
#
# COMPACT_ATOMS: atom_id res chain seq x y z
N SER A 1 7.91 20.66 24.10
CA SER A 1 7.71 19.32 23.48
C SER A 1 8.56 18.26 24.16
N LYS A 2 7.93 17.47 25.04
CA LYS A 2 8.64 16.42 25.74
C LYS A 2 8.61 15.12 24.93
N ALA A 3 9.79 14.55 24.74
CA ALA A 3 9.98 13.31 24.00
C ALA A 3 10.69 12.30 24.86
N VAL A 4 10.22 11.05 24.85
CA VAL A 4 10.88 10.00 25.63
C VAL A 4 11.07 8.77 24.78
N ILE A 5 12.06 7.97 25.12
CA ILE A 5 12.33 6.74 24.39
C ILE A 5 11.98 5.55 25.27
N VAL A 6 11.29 4.60 24.67
CA VAL A 6 10.93 3.40 25.39
C VAL A 6 11.44 2.25 24.55
N ILE A 7 12.19 1.37 25.19
CA ILE A 7 12.74 0.20 24.51
C ILE A 7 12.11 -1.12 24.96
N PRO A 8 11.19 -1.67 24.15
CA PRO A 8 10.51 -2.93 24.46
C PRO A 8 11.53 -4.07 24.52
N ALA A 9 11.48 -4.90 25.55
CA ALA A 9 12.45 -5.98 25.63
C ALA A 9 11.85 -7.26 26.16
N ARG A 10 11.08 -7.94 25.31
CA ARG A 10 10.47 -9.23 25.68
C ARG A 10 11.67 -10.19 25.85
N TYR A 11 11.58 -11.13 26.78
CA TYR A 11 12.68 -12.08 27.00
C TYR A 11 12.72 -13.20 25.95
N GLY A 12 11.64 -13.99 25.92
CA GLY A 12 11.54 -15.11 25.00
C GLY A 12 11.92 -14.85 23.55
N SER A 13 12.39 -15.89 22.89
CA SER A 13 12.80 -15.82 21.48
C SER A 13 13.08 -17.23 20.94
N SER A 14 12.29 -17.62 19.95
CA SER A 14 12.41 -18.93 19.32
C SER A 14 13.86 -19.29 19.00
N ARG A 15 14.51 -18.40 18.26
CA ARG A 15 15.89 -18.56 17.84
C ARG A 15 16.94 -18.20 18.89
N LEU A 16 16.79 -17.02 19.50
CA LEU A 16 17.75 -16.57 20.50
C LEU A 16 17.15 -16.35 21.89
N PRO A 17 16.82 -17.43 22.62
CA PRO A 17 16.24 -17.30 23.95
C PRO A 17 16.98 -16.26 24.83
N GLY A 18 16.30 -15.14 25.06
CA GLY A 18 16.87 -14.08 25.88
C GLY A 18 17.78 -13.13 25.12
N LYS A 19 17.36 -12.73 23.92
CA LYS A 19 18.17 -11.82 23.11
C LYS A 19 18.78 -10.66 23.90
N PRO A 20 17.94 -9.88 24.59
CA PRO A 20 18.38 -8.72 25.37
C PRO A 20 19.58 -8.90 26.30
N LEU A 21 19.71 -10.07 26.90
CA LEU A 21 20.82 -10.32 27.81
C LEU A 21 22.10 -10.82 27.12
N LEU A 22 21.94 -11.27 25.87
CA LEU A 22 23.05 -11.78 25.07
C LEU A 22 24.20 -10.80 25.10
N ASP A 23 25.37 -11.27 25.49
CA ASP A 23 26.54 -10.41 25.59
C ASP A 23 27.18 -9.97 24.26
N ILE A 24 27.65 -8.73 24.25
CA ILE A 24 28.32 -8.14 23.10
C ILE A 24 29.41 -7.25 23.65
N VAL A 25 30.65 -7.73 23.53
CA VAL A 25 31.85 -7.03 23.99
C VAL A 25 31.76 -6.59 25.45
N GLY A 26 31.22 -7.46 26.29
CA GLY A 26 31.16 -7.16 27.72
C GLY A 26 30.03 -6.25 28.18
N LYS A 27 28.90 -6.33 27.49
CA LYS A 27 27.71 -5.54 27.80
C LYS A 27 26.50 -6.27 27.26
N PRO A 28 25.43 -6.33 28.06
CA PRO A 28 24.24 -7.01 27.59
C PRO A 28 23.70 -6.18 26.43
N MET A 29 23.26 -6.83 25.38
CA MET A 29 22.74 -6.09 24.24
C MET A 29 21.87 -4.91 24.66
N ILE A 30 20.99 -5.13 25.63
CA ILE A 30 20.09 -4.07 26.07
C ILE A 30 20.84 -2.79 26.51
N GLN A 31 22.07 -2.95 27.00
CA GLN A 31 22.87 -1.79 27.42
C GLN A 31 23.31 -0.97 26.22
N HIS A 32 23.75 -1.63 25.16
CA HIS A 32 24.20 -0.93 23.97
C HIS A 32 23.06 -0.08 23.42
N VAL A 33 21.85 -0.62 23.38
CA VAL A 33 20.69 0.12 22.91
C VAL A 33 20.34 1.29 23.87
N TYR A 34 20.46 1.06 25.18
CA TYR A 34 20.19 2.09 26.16
C TYR A 34 21.21 3.26 26.08
N GLU A 35 22.49 2.94 26.07
CA GLU A 35 23.52 3.98 26.03
C GLU A 35 23.40 4.84 24.77
N ARG A 36 23.03 4.23 23.65
CA ARG A 36 22.90 4.99 22.41
C ARG A 36 21.66 5.88 22.45
N ALA A 37 20.63 5.41 23.14
CA ALA A 37 19.41 6.18 23.27
C ALA A 37 19.74 7.44 24.08
N LEU A 38 20.67 7.31 25.02
CA LEU A 38 21.06 8.43 25.85
C LEU A 38 21.83 9.52 25.06
N GLN A 39 22.38 9.14 23.92
CA GLN A 39 23.12 10.08 23.09
C GLN A 39 22.19 10.89 22.19
N VAL A 40 20.90 10.56 22.20
CA VAL A 40 19.92 11.28 21.38
C VAL A 40 19.52 12.60 22.01
N ALA A 41 19.75 13.71 21.30
CA ALA A 41 19.38 15.02 21.81
C ALA A 41 17.89 15.24 21.75
N GLY A 42 17.39 16.08 22.64
CA GLY A 42 15.96 16.38 22.63
C GLY A 42 15.03 15.43 23.34
N VAL A 43 15.58 14.38 23.93
CA VAL A 43 14.80 13.39 24.65
C VAL A 43 14.98 13.61 26.13
N ALA A 44 13.86 13.62 26.85
CA ALA A 44 13.89 13.85 28.28
C ALA A 44 14.13 12.62 29.16
N GLU A 45 13.66 11.46 28.72
CA GLU A 45 13.81 10.22 29.49
C GLU A 45 13.94 8.99 28.61
N VAL A 46 14.67 8.01 29.11
CA VAL A 46 14.88 6.77 28.41
C VAL A 46 14.49 5.61 29.30
N TRP A 47 13.50 4.83 28.84
CA TRP A 47 13.04 3.65 29.56
C TRP A 47 13.17 2.36 28.76
N VAL A 48 13.21 1.22 29.46
CA VAL A 48 13.25 -0.10 28.82
C VAL A 48 11.98 -0.83 29.30
N ALA A 49 11.15 -1.32 28.37
CA ALA A 49 9.90 -1.99 28.77
C ALA A 49 9.92 -3.51 28.64
N THR A 50 9.81 -4.22 29.76
CA THR A 50 9.82 -5.68 29.70
C THR A 50 8.72 -6.37 30.51
N ASP A 51 8.61 -7.69 30.30
CA ASP A 51 7.61 -8.49 30.97
C ASP A 51 8.33 -9.58 31.75
N ASP A 52 9.65 -9.48 31.78
CA ASP A 52 10.46 -10.50 32.44
C ASP A 52 11.38 -9.92 33.50
N PRO A 53 11.29 -10.39 34.76
CA PRO A 53 12.16 -9.87 35.83
C PRO A 53 13.66 -10.02 35.56
N ARG A 54 14.03 -11.01 34.75
CA ARG A 54 15.44 -11.21 34.43
C ARG A 54 15.98 -10.05 33.60
N VAL A 55 15.16 -9.52 32.71
CA VAL A 55 15.59 -8.38 31.92
C VAL A 55 15.58 -7.18 32.84
N GLU A 56 14.57 -7.11 33.71
CA GLU A 56 14.45 -6.00 34.66
C GLU A 56 15.70 -5.85 35.52
N GLN A 57 16.15 -6.95 36.13
CA GLN A 57 17.34 -6.86 36.96
C GLN A 57 18.54 -6.42 36.10
N ALA A 58 18.67 -7.01 34.92
CA ALA A 58 19.77 -6.68 34.02
C ALA A 58 19.86 -5.18 33.71
N VAL A 59 18.73 -4.51 33.50
CA VAL A 59 18.74 -3.09 33.22
C VAL A 59 19.12 -2.28 34.48
N GLN A 60 18.58 -2.69 35.62
CA GLN A 60 18.89 -1.98 36.86
C GLN A 60 20.35 -2.15 37.28
N ALA A 61 20.93 -3.28 36.91
CA ALA A 61 22.34 -3.54 37.22
C ALA A 61 23.24 -2.50 36.53
N PHE A 62 22.91 -2.08 35.30
CA PHE A 62 23.73 -1.06 34.66
C PHE A 62 23.15 0.33 34.92
N GLY A 63 22.23 0.41 35.87
CA GLY A 63 21.63 1.69 36.25
C GLY A 63 20.61 2.31 35.31
N GLY A 64 19.92 1.48 34.54
CA GLY A 64 18.93 1.98 33.62
C GLY A 64 17.54 1.96 34.23
N LYS A 65 16.59 2.64 33.59
CA LYS A 65 15.22 2.66 34.07
C LYS A 65 14.45 1.51 33.39
N ALA A 66 13.78 0.71 34.20
CA ALA A 66 13.03 -0.41 33.66
C ALA A 66 11.63 -0.40 34.21
N ILE A 67 10.67 -0.72 33.35
CA ILE A 67 9.28 -0.78 33.78
C ILE A 67 8.72 -2.17 33.43
N MET A 68 7.94 -2.75 34.34
CA MET A 68 7.35 -4.06 34.08
C MET A 68 6.01 -3.88 33.42
N THR A 69 5.75 -4.69 32.41
CA THR A 69 4.51 -4.60 31.66
C THR A 69 3.88 -5.97 31.55
N ARG A 70 2.60 -6.01 31.19
CA ARG A 70 1.90 -7.28 31.06
C ARG A 70 2.58 -8.20 30.06
N ASN A 71 2.40 -9.51 30.19
CA ASN A 71 3.02 -10.47 29.27
C ASN A 71 2.10 -10.83 28.10
N ASP A 72 0.81 -10.48 28.23
CA ASP A 72 -0.17 -10.75 27.19
C ASP A 72 -0.16 -9.71 26.07
N HIS A 73 0.83 -8.83 26.05
CA HIS A 73 0.90 -7.84 24.98
C HIS A 73 1.23 -8.50 23.61
N GLU A 74 0.52 -8.11 22.56
CA GLU A 74 0.72 -8.66 21.20
C GLU A 74 1.88 -8.06 20.42
N SER A 75 2.23 -6.80 20.72
CA SER A 75 3.34 -6.13 20.04
C SER A 75 4.10 -5.12 20.92
N GLY A 76 5.22 -4.62 20.39
CA GLY A 76 5.99 -3.63 21.10
C GLY A 76 5.17 -2.38 21.27
N THR A 77 4.48 -1.96 20.21
CA THR A 77 3.65 -0.76 20.28
C THR A 77 2.52 -0.89 21.31
N ASP A 78 1.94 -2.09 21.42
CA ASP A 78 0.90 -2.31 22.42
C ASP A 78 1.56 -2.14 23.80
N ARG A 79 2.77 -2.69 23.95
CA ARG A 79 3.48 -2.59 25.20
C ARG A 79 3.78 -1.13 25.57
N LEU A 80 4.09 -0.30 24.58
CA LEU A 80 4.37 1.11 24.85
C LEU A 80 3.13 1.87 25.34
N VAL A 81 1.95 1.39 24.95
CA VAL A 81 0.73 2.05 25.36
C VAL A 81 0.64 1.98 26.88
N GLU A 82 0.97 0.81 27.44
CA GLU A 82 0.93 0.60 28.89
C GLU A 82 1.87 1.58 29.57
N VAL A 83 3.04 1.77 28.99
CA VAL A 83 4.04 2.68 29.53
C VAL A 83 3.56 4.11 29.45
N MET A 84 2.86 4.42 28.37
CA MET A 84 2.35 5.76 28.14
C MET A 84 1.51 6.30 29.31
N HIS A 85 0.65 5.44 29.85
CA HIS A 85 -0.23 5.84 30.96
C HIS A 85 0.55 6.32 32.20
N LYS A 86 1.78 5.84 32.34
CA LYS A 86 2.62 6.20 33.48
C LYS A 86 3.70 7.22 33.19
N VAL A 87 4.27 7.16 31.99
CA VAL A 87 5.31 8.09 31.60
C VAL A 87 4.77 9.15 30.62
N GLU A 88 4.58 10.39 31.09
CA GLU A 88 4.06 11.44 30.24
C GLU A 88 5.05 12.00 29.24
N ALA A 89 4.58 12.20 28.02
CA ALA A 89 5.39 12.73 26.96
C ALA A 89 4.49 13.09 25.80
N ASP A 90 4.96 14.03 24.98
CA ASP A 90 4.20 14.44 23.80
C ASP A 90 4.50 13.44 22.69
N ILE A 91 5.77 13.06 22.57
CA ILE A 91 6.26 12.14 21.55
C ILE A 91 6.92 10.91 22.20
N TYR A 92 6.58 9.73 21.71
CA TYR A 92 7.14 8.48 22.21
C TYR A 92 7.89 7.82 21.07
N ILE A 93 9.12 7.42 21.36
CA ILE A 93 9.96 6.76 20.38
C ILE A 93 10.17 5.33 20.81
N ASN A 94 9.80 4.42 19.92
CA ASN A 94 9.91 2.99 20.15
C ASN A 94 11.22 2.55 19.48
N LEU A 95 12.20 2.15 20.29
CA LEU A 95 13.49 1.68 19.78
C LEU A 95 13.59 0.19 20.04
N GLN A 96 13.83 -0.60 19.00
CA GLN A 96 13.94 -2.05 19.18
C GLN A 96 15.09 -2.46 20.09
N GLY A 97 14.83 -3.40 20.99
CA GLY A 97 15.86 -3.84 21.92
C GLY A 97 16.86 -4.83 21.33
N ASP A 98 16.65 -5.21 20.06
CA ASP A 98 17.54 -6.16 19.38
C ASP A 98 18.37 -5.60 18.19
N GLU A 99 18.45 -4.28 18.07
CA GLU A 99 19.24 -3.65 17.01
C GLU A 99 20.19 -2.71 17.74
N PRO A 100 21.33 -3.24 18.23
CA PRO A 100 22.36 -2.51 18.96
C PRO A 100 23.26 -1.56 18.17
N MET A 101 23.18 -1.64 16.85
CA MET A 101 23.99 -0.77 16.00
C MET A 101 23.27 0.52 15.64
N ILE A 102 22.17 0.79 16.32
CA ILE A 102 21.37 1.99 16.05
C ILE A 102 22.22 3.27 16.13
N ARG A 103 21.99 4.22 15.21
CA ARG A 103 22.73 5.49 15.18
C ARG A 103 21.96 6.65 15.80
N PRO A 104 22.43 7.15 16.94
CA PRO A 104 21.74 8.27 17.60
C PRO A 104 21.32 9.37 16.60
N ARG A 105 22.17 9.66 15.63
CA ARG A 105 21.84 10.70 14.66
C ARG A 105 20.57 10.36 13.87
N ASP A 106 20.34 9.07 13.60
CA ASP A 106 19.15 8.68 12.85
C ASP A 106 17.89 8.92 13.69
N VAL A 107 17.98 8.62 14.99
CA VAL A 107 16.84 8.84 15.86
C VAL A 107 16.52 10.34 15.98
N GLU A 108 17.53 11.19 15.88
CA GLU A 108 17.30 12.64 15.96
C GLU A 108 16.60 13.11 14.69
N THR A 109 16.94 12.50 13.55
CA THR A 109 16.30 12.85 12.29
C THR A 109 14.80 12.55 12.44
N LEU A 110 14.51 11.39 13.01
CA LEU A 110 13.14 10.93 13.27
C LEU A 110 12.39 11.93 14.12
N LEU A 111 13.03 12.38 15.22
CA LEU A 111 12.42 13.34 16.15
C LEU A 111 12.22 14.71 15.49
N GLN A 112 13.17 15.09 14.63
CA GLN A 112 13.11 16.37 13.94
C GLN A 112 11.90 16.40 13.02
N GLY A 113 11.66 15.27 12.36
CA GLY A 113 10.51 15.20 11.47
C GLY A 113 9.21 15.41 12.23
N MET A 114 9.09 14.83 13.42
CA MET A 114 7.88 14.99 14.20
C MET A 114 7.75 16.46 14.56
N ARG A 115 8.81 17.06 15.10
CA ARG A 115 8.73 18.46 15.49
C ARG A 115 8.55 19.45 14.35
N ASP A 116 9.06 19.13 13.17
CA ASP A 116 8.94 20.01 12.02
C ASP A 116 7.52 20.03 11.48
N ASP A 117 6.76 19.00 11.83
CA ASP A 117 5.37 18.89 11.39
C ASP A 117 4.53 18.33 12.53
N PRO A 118 4.02 19.21 13.39
CA PRO A 118 3.19 18.83 14.54
C PRO A 118 1.92 18.05 14.20
N ALA A 119 1.59 17.96 12.92
CA ALA A 119 0.40 17.22 12.48
C ALA A 119 0.69 15.77 12.11
N LEU A 120 1.97 15.42 11.99
CA LEU A 120 2.38 14.05 11.64
C LEU A 120 2.16 13.14 12.84
N PRO A 121 1.31 12.11 12.68
CA PRO A 121 0.99 11.14 13.74
C PRO A 121 2.12 10.17 14.10
N VAL A 122 2.70 9.58 13.07
CA VAL A 122 3.76 8.62 13.29
C VAL A 122 4.86 8.82 12.24
N ALA A 123 6.09 8.61 12.69
CA ALA A 123 7.25 8.72 11.82
C ALA A 123 8.10 7.46 12.00
N THR A 124 8.80 7.05 10.95
CA THR A 124 9.67 5.88 11.02
C THR A 124 10.83 6.08 10.05
N LEU A 125 11.76 5.12 10.02
CA LEU A 125 12.94 5.16 9.17
C LEU A 125 13.02 4.10 8.06
N CYS A 126 13.78 4.39 7.00
CA CYS A 126 13.96 3.44 5.90
C CYS A 126 15.28 3.71 5.17
N HIS A 127 15.83 2.72 4.47
CA HIS A 127 17.07 2.94 3.73
C HIS A 127 17.14 2.05 2.49
N ALA A 128 17.80 2.51 1.43
CA ALA A 128 17.90 1.76 0.18
C ALA A 128 18.52 0.36 0.28
N ILE A 129 17.97 -0.58 -0.49
CA ILE A 129 18.47 -1.96 -0.52
C ILE A 129 18.39 -2.55 -1.91
N SER A 130 19.20 -3.59 -2.11
CA SER A 130 19.28 -4.32 -3.36
C SER A 130 18.06 -5.21 -3.50
N ALA A 131 17.73 -5.56 -4.73
CA ALA A 131 16.58 -6.42 -4.97
C ALA A 131 16.79 -7.76 -4.27
N ALA A 132 18.03 -8.23 -4.25
CA ALA A 132 18.32 -9.52 -3.63
C ALA A 132 18.06 -9.49 -2.15
N GLU A 133 18.41 -8.37 -1.51
CA GLU A 133 18.22 -8.16 -0.08
C GLU A 133 16.71 -8.04 0.22
N ALA A 134 15.96 -7.49 -0.72
CA ALA A 134 14.51 -7.33 -0.58
C ALA A 134 13.73 -8.63 -0.73
N ALA A 135 14.38 -9.71 -1.15
CA ALA A 135 13.68 -10.98 -1.33
C ALA A 135 13.31 -11.67 -0.02
N GLU A 136 14.11 -11.43 1.02
CA GLU A 136 13.91 -12.01 2.35
C GLU A 136 12.67 -11.51 3.07
N PRO A 137 11.84 -12.43 3.56
CA PRO A 137 10.60 -12.10 4.28
C PRO A 137 10.90 -11.44 5.64
N SER A 138 12.03 -11.78 6.23
CA SER A 138 12.42 -11.21 7.52
C SER A 138 12.79 -9.74 7.38
N THR A 139 13.04 -9.30 6.16
CA THR A 139 13.37 -7.90 5.94
C THR A 139 12.09 -7.27 5.43
N VAL A 140 11.55 -6.30 6.16
CA VAL A 140 10.31 -5.64 5.75
C VAL A 140 10.59 -4.55 4.71
N LYS A 141 9.73 -4.46 3.71
CA LYS A 141 9.88 -3.45 2.66
C LYS A 141 8.84 -2.34 2.81
N VAL A 142 9.17 -1.15 2.34
CA VAL A 142 8.21 -0.06 2.39
C VAL A 142 8.19 0.64 1.03
N VAL A 143 7.01 1.10 0.61
CA VAL A 143 6.86 1.83 -0.67
C VAL A 143 6.21 3.19 -0.36
N VAL A 144 6.84 4.28 -0.80
CA VAL A 144 6.33 5.62 -0.46
C VAL A 144 5.87 6.53 -1.60
N ASN A 145 5.29 7.68 -1.26
CA ASN A 145 4.85 8.63 -2.28
C ASN A 145 5.83 9.81 -2.32
N THR A 146 5.52 10.85 -3.10
CA THR A 146 6.43 11.98 -3.19
C THR A 146 6.62 12.79 -1.91
N ARG A 147 5.67 12.75 -0.97
CA ARG A 147 5.82 13.48 0.28
C ARG A 147 6.52 12.61 1.32
N GLN A 148 7.04 11.46 0.88
CA GLN A 148 7.71 10.49 1.74
C GLN A 148 6.73 9.71 2.66
N ASP A 149 5.42 9.88 2.45
CA ASP A 149 4.42 9.17 3.24
C ASP A 149 4.43 7.71 2.79
N ALA A 150 4.15 6.79 3.70
CA ALA A 150 4.17 5.38 3.33
C ALA A 150 2.88 4.98 2.64
N LEU A 151 2.98 4.27 1.53
CA LEU A 151 1.81 3.80 0.79
C LEU A 151 1.38 2.44 1.38
N TYR A 152 2.38 1.58 1.61
CA TYR A 152 2.15 0.27 2.20
C TYR A 152 3.46 -0.38 2.66
N PHE A 153 3.35 -1.28 3.64
CA PHE A 153 4.51 -2.01 4.18
C PHE A 153 4.24 -3.50 3.94
N SER A 154 5.28 -4.32 3.70
CA SER A 154 5.09 -5.76 3.45
C SER A 154 6.33 -6.63 3.54
N ARG A 155 6.12 -7.92 3.81
CA ARG A 155 7.23 -8.86 3.87
C ARG A 155 7.45 -9.35 2.45
N SER A 156 6.48 -9.05 1.60
CA SER A 156 6.55 -9.43 0.22
C SER A 156 7.39 -8.38 -0.51
N PRO A 157 8.20 -8.79 -1.52
CA PRO A 157 9.04 -7.83 -2.25
C PRO A 157 8.21 -6.85 -3.07
N ILE A 158 8.03 -5.65 -2.54
CA ILE A 158 7.27 -4.62 -3.24
C ILE A 158 8.14 -3.39 -3.36
N PRO A 159 8.06 -2.68 -4.49
CA PRO A 159 7.21 -2.96 -5.65
C PRO A 159 7.56 -4.23 -6.42
N TYR A 160 6.55 -4.91 -6.95
CA TYR A 160 6.78 -6.12 -7.76
C TYR A 160 7.60 -5.69 -9.00
N PRO A 161 8.65 -6.44 -9.34
CA PRO A 161 9.48 -6.07 -10.49
C PRO A 161 9.03 -6.53 -11.89
N ARG A 162 7.91 -5.99 -12.38
CA ARG A 162 7.45 -6.33 -13.72
C ARG A 162 8.57 -5.91 -14.66
N ASN A 163 9.01 -4.66 -14.53
CA ASN A 163 10.15 -4.13 -15.29
C ASN A 163 11.24 -4.09 -14.23
N ALA A 164 11.84 -5.24 -13.98
CA ALA A 164 12.86 -5.38 -12.97
C ALA A 164 13.92 -4.26 -12.87
N GLU A 165 14.27 -3.64 -14.00
CA GLU A 165 15.31 -2.59 -14.01
C GLU A 165 14.89 -1.25 -13.42
N LYS A 166 13.59 -1.10 -13.12
CA LYS A 166 13.10 0.16 -12.59
C LYS A 166 12.71 0.06 -11.14
N ALA A 167 12.79 -1.15 -10.61
CA ALA A 167 12.45 -1.38 -9.24
C ALA A 167 13.55 -0.90 -8.30
N ARG A 168 13.18 -0.05 -7.35
CA ARG A 168 14.10 0.45 -6.33
C ARG A 168 13.48 0.00 -5.01
N TYR A 169 14.29 -0.62 -4.16
CA TYR A 169 13.79 -1.11 -2.89
C TYR A 169 14.21 -0.32 -1.65
N LEU A 170 13.24 -0.13 -0.75
CA LEU A 170 13.47 0.56 0.52
C LEU A 170 13.18 -0.41 1.65
N LYS A 171 14.16 -0.62 2.51
CA LYS A 171 13.96 -1.51 3.65
C LYS A 171 13.42 -0.69 4.83
N HIS A 172 12.49 -1.27 5.58
CA HIS A 172 11.93 -0.56 6.71
C HIS A 172 12.76 -0.78 7.96
N VAL A 173 13.20 0.30 8.55
CA VAL A 173 13.94 0.22 9.80
C VAL A 173 12.90 0.36 10.90
N GLY A 174 12.75 -0.71 11.68
CA GLY A 174 11.73 -0.74 12.73
C GLY A 174 11.78 0.20 13.92
N ILE A 175 12.00 1.49 13.68
CA ILE A 175 12.03 2.45 14.77
C ILE A 175 10.81 3.32 14.54
N TYR A 176 10.09 3.64 15.62
CA TYR A 176 8.91 4.48 15.46
C TYR A 176 8.85 5.65 16.45
N ALA A 177 8.25 6.72 16.00
CA ALA A 177 8.03 7.90 16.81
C ALA A 177 6.53 8.15 16.67
N TYR A 178 5.82 8.28 17.79
CA TYR A 178 4.39 8.54 17.72
C TYR A 178 3.95 9.69 18.63
N ARG A 179 2.93 10.42 18.19
CA ARG A 179 2.34 11.48 18.99
C ARG A 179 1.65 10.70 20.12
N ARG A 180 1.43 11.35 21.27
CA ARG A 180 0.76 10.69 22.39
C ARG A 180 -0.63 10.19 22.02
N ASP A 181 -1.39 10.98 21.29
CA ASP A 181 -2.73 10.55 20.96
C ASP A 181 -2.81 9.25 20.12
N VAL A 182 -1.77 8.97 19.32
CA VAL A 182 -1.74 7.73 18.54
C VAL A 182 -1.80 6.49 19.48
N LEU A 183 -0.95 6.51 20.50
CA LEU A 183 -0.85 5.42 21.48
C LEU A 183 -2.08 5.30 22.37
N GLN A 184 -2.65 6.43 22.77
CA GLN A 184 -3.81 6.44 23.64
C GLN A 184 -4.94 5.59 23.10
N ASN A 185 -4.96 5.38 21.79
CA ASN A 185 -6.01 4.53 21.25
C ASN A 185 -5.51 3.56 20.20
N TYR A 186 -4.29 3.08 20.39
CA TYR A 186 -3.72 2.14 19.46
C TYR A 186 -4.25 0.74 19.74
N SER A 187 -4.48 0.47 21.02
CA SER A 187 -5.01 -0.82 21.41
C SER A 187 -6.53 -0.89 21.25
N GLN A 188 -7.15 0.21 20.80
CA GLN A 188 -8.60 0.22 20.56
C GLN A 188 -8.87 0.36 19.07
N LEU A 189 -7.86 0.11 18.25
CA LEU A 189 -8.07 0.21 16.81
C LEU A 189 -8.59 -1.12 16.30
N PRO A 190 -9.52 -1.08 15.33
CA PRO A 190 -10.08 -2.33 14.78
C PRO A 190 -8.99 -3.27 14.27
N GLU A 191 -9.30 -4.56 14.26
CA GLU A 191 -8.35 -5.56 13.79
C GLU A 191 -7.95 -5.32 12.33
N SER A 192 -6.65 -5.42 12.06
CA SER A 192 -6.14 -5.25 10.72
C SER A 192 -5.86 -6.63 10.16
N MET A 193 -6.61 -7.02 9.12
CA MET A 193 -6.36 -8.31 8.49
C MET A 193 -4.91 -8.32 8.00
N PRO A 194 -4.44 -7.23 7.37
CA PRO A 194 -3.05 -7.21 6.90
C PRO A 194 -2.07 -7.42 8.06
N GLU A 195 -2.35 -6.78 9.20
CA GLU A 195 -1.48 -6.91 10.36
C GLU A 195 -1.39 -8.38 10.72
N GLN A 196 -2.56 -9.02 10.87
CA GLN A 196 -2.65 -10.42 11.23
C GLN A 196 -2.02 -11.40 10.25
N ALA A 197 -2.11 -11.12 8.95
CA ALA A 197 -1.51 -12.01 7.97
C ALA A 197 0.00 -11.76 7.85
N GLU A 198 0.38 -10.48 7.78
CA GLU A 198 1.80 -10.12 7.63
C GLU A 198 2.58 -10.13 8.93
N SER A 199 1.88 -9.95 10.04
CA SER A 199 2.50 -9.89 11.35
C SER A 199 3.38 -8.63 11.40
N LEU A 200 2.75 -7.51 11.12
CA LEU A 200 3.40 -6.20 11.12
C LEU A 200 2.48 -5.28 11.88
N GLU A 201 2.87 -4.96 13.11
CA GLU A 201 2.06 -4.09 13.96
C GLU A 201 1.67 -2.74 13.34
N GLN A 202 2.61 -2.07 12.67
CA GLN A 202 2.34 -0.77 12.05
C GLN A 202 1.14 -0.81 11.05
N LEU A 203 0.76 -2.01 10.61
CA LEU A 203 -0.34 -2.11 9.67
C LEU A 203 -1.69 -1.82 10.37
N ARG A 204 -1.70 -1.82 11.71
CA ARG A 204 -2.93 -1.51 12.40
C ARG A 204 -3.19 -0.01 12.24
N LEU A 205 -2.12 0.77 12.09
CA LEU A 205 -2.25 2.23 11.91
C LEU A 205 -2.76 2.58 10.51
N MET A 206 -2.22 1.92 9.52
CA MET A 206 -2.62 2.17 8.14
C MET A 206 -4.08 1.80 7.96
N ASN A 207 -4.46 0.65 8.51
CA ASN A 207 -5.83 0.20 8.42
C ASN A 207 -6.77 1.27 8.99
N ALA A 208 -6.28 2.08 9.92
CA ALA A 208 -7.10 3.13 10.52
C ALA A 208 -6.91 4.53 9.90
N GLY A 209 -6.26 4.62 8.73
CA GLY A 209 -6.04 5.91 8.08
C GLY A 209 -5.01 6.81 8.73
N ILE A 210 -4.26 6.28 9.68
CA ILE A 210 -3.26 7.08 10.37
C ILE A 210 -1.96 7.11 9.58
N ASN A 211 -1.60 8.30 9.10
CA ASN A 211 -0.39 8.46 8.30
C ASN A 211 0.94 8.20 8.99
N ILE A 212 1.83 7.53 8.26
CA ILE A 212 3.18 7.23 8.74
C ILE A 212 4.18 7.80 7.73
N ARG A 213 4.98 8.78 8.15
CA ARG A 213 5.96 9.37 7.25
C ARG A 213 7.30 8.71 7.43
N THR A 214 7.90 8.45 6.28
CA THR A 214 9.19 7.82 6.15
C THR A 214 10.33 8.85 6.07
N PHE A 215 11.52 8.46 6.52
CA PHE A 215 12.71 9.31 6.45
C PHE A 215 13.86 8.39 6.08
N GLU A 216 14.50 8.67 4.95
CA GLU A 216 15.59 7.83 4.49
C GLU A 216 16.92 8.14 5.18
N VAL A 217 17.61 7.08 5.61
CA VAL A 217 18.91 7.20 6.22
C VAL A 217 19.85 6.21 5.50
N ALA A 218 21.14 6.32 5.77
CA ALA A 218 22.13 5.45 5.16
C ALA A 218 21.91 4.03 5.61
N ALA A 219 22.46 3.10 4.84
CA ALA A 219 22.33 1.70 5.18
C ALA A 219 22.73 1.53 6.64
N THR A 220 21.88 0.83 7.41
CA THR A 220 22.14 0.61 8.84
C THR A 220 22.81 -0.74 9.11
N GLY A 221 23.29 -0.90 10.34
CA GLY A 221 23.95 -2.13 10.72
C GLY A 221 22.97 -3.27 10.92
N PRO A 222 23.37 -4.52 10.66
CA PRO A 222 22.49 -5.68 10.81
C PRO A 222 22.03 -5.88 12.26
N GLY A 223 21.02 -6.73 12.43
CA GLY A 223 20.48 -7.01 13.74
C GLY A 223 20.80 -8.39 14.29
N VAL A 224 20.62 -8.53 15.60
CA VAL A 224 20.88 -9.78 16.30
C VAL A 224 19.59 -10.58 16.38
N ASP A 225 19.30 -11.34 15.33
CA ASP A 225 18.10 -12.15 15.32
C ASP A 225 18.51 -13.60 15.10
N THR A 226 19.59 -13.78 14.34
CA THR A 226 20.10 -15.11 14.05
C THR A 226 21.54 -15.25 14.53
N PRO A 227 21.89 -16.43 15.07
CA PRO A 227 23.24 -16.71 15.59
C PRO A 227 24.30 -16.37 14.54
N ALA A 228 23.88 -16.41 13.28
CA ALA A 228 24.76 -16.09 12.16
C ALA A 228 25.07 -14.59 12.18
N CYS A 229 24.04 -13.76 12.22
CA CYS A 229 24.20 -12.30 12.24
C CYS A 229 24.73 -11.79 13.57
N LEU A 230 24.38 -12.47 14.66
CA LEU A 230 24.85 -12.07 16.00
C LEU A 230 26.38 -11.95 16.04
N GLU A 231 27.06 -12.72 15.20
CA GLU A 231 28.52 -12.70 15.15
C GLU A 231 29.03 -11.53 14.33
N LYS A 232 28.32 -11.25 13.25
CA LYS A 232 28.65 -10.14 12.38
C LYS A 232 28.54 -8.87 13.23
N VAL A 233 27.54 -8.84 14.11
CA VAL A 233 27.30 -7.71 15.01
C VAL A 233 28.39 -7.51 16.07
N ARG A 234 28.91 -8.61 16.60
CA ARG A 234 29.97 -8.51 17.61
C ARG A 234 31.26 -8.03 16.95
N ALA A 235 31.54 -8.54 15.76
CA ALA A 235 32.74 -8.15 15.03
C ALA A 235 32.72 -6.65 14.76
N LEU A 236 31.61 -6.19 14.19
CA LEU A 236 31.47 -4.79 13.87
C LEU A 236 31.51 -3.97 15.15
N MET A 237 30.64 -4.29 16.10
CA MET A 237 30.60 -3.57 17.35
C MET A 237 31.99 -3.41 17.98
N ALA A 238 32.78 -4.48 17.98
CA ALA A 238 34.12 -4.43 18.55
C ALA A 238 35.05 -3.63 17.64
N GLN A 239 34.83 -3.75 16.33
CA GLN A 239 35.64 -3.03 15.35
C GLN A 239 35.43 -1.53 15.54
N GLU A 240 34.21 -1.16 15.94
CA GLU A 240 33.86 0.24 16.20
C GLU A 240 34.69 0.82 17.34
N LEU A 241 34.83 0.05 18.42
CA LEU A 241 35.61 0.47 19.58
C LEU A 241 37.02 0.87 19.10
N ALA A 242 37.53 0.14 18.11
CA ALA A 242 38.84 0.40 17.54
C ALA A 242 38.85 1.73 16.79
N SER B 1 -24.93 17.03 -9.88
CA SER B 1 -23.70 16.23 -10.16
C SER B 1 -23.90 15.45 -11.45
N LYS B 2 -23.38 15.98 -12.57
CA LYS B 2 -23.52 15.32 -13.86
C LYS B 2 -22.46 14.24 -13.98
N ALA B 3 -22.85 13.09 -14.50
CA ALA B 3 -21.93 11.97 -14.68
C ALA B 3 -22.04 11.44 -16.09
N VAL B 4 -20.90 11.14 -16.70
CA VAL B 4 -20.91 10.58 -18.04
C VAL B 4 -19.99 9.38 -18.07
N ILE B 5 -20.25 8.46 -18.99
CA ILE B 5 -19.41 7.29 -19.14
C ILE B 5 -18.59 7.44 -20.40
N VAL B 6 -17.33 7.05 -20.34
CA VAL B 6 -16.48 7.13 -21.49
C VAL B 6 -15.86 5.77 -21.60
N ILE B 7 -15.94 5.21 -22.81
CA ILE B 7 -15.40 3.88 -23.08
C ILE B 7 -14.24 3.95 -24.08
N PRO B 8 -12.99 3.84 -23.61
CA PRO B 8 -11.85 3.90 -24.53
C PRO B 8 -11.90 2.66 -25.45
N ALA B 9 -11.96 2.86 -26.77
CA ALA B 9 -12.02 1.73 -27.71
C ALA B 9 -11.19 1.91 -28.99
N ARG B 10 -9.87 1.91 -28.84
CA ARG B 10 -8.95 2.06 -29.96
C ARG B 10 -9.08 0.83 -30.88
N TYR B 11 -8.91 1.03 -32.18
CA TYR B 11 -9.02 -0.07 -33.13
C TYR B 11 -7.89 -1.07 -32.98
N GLY B 12 -6.67 -0.55 -32.81
CA GLY B 12 -5.50 -1.40 -32.70
C GLY B 12 -5.39 -2.27 -31.47
N SER B 13 -4.77 -3.43 -31.66
CA SER B 13 -4.53 -4.38 -30.58
C SER B 13 -3.41 -5.30 -31.02
N SER B 14 -2.57 -5.66 -30.07
CA SER B 14 -1.42 -6.50 -30.35
C SER B 14 -1.87 -7.94 -30.61
N ARG B 15 -2.78 -8.42 -29.80
CA ARG B 15 -3.25 -9.78 -29.92
C ARG B 15 -4.53 -9.97 -30.74
N LEU B 16 -5.36 -8.92 -30.82
CA LEU B 16 -6.61 -9.01 -31.57
C LEU B 16 -6.93 -7.72 -32.34
N PRO B 17 -6.22 -7.49 -33.45
CA PRO B 17 -6.50 -6.28 -34.21
C PRO B 17 -8.00 -6.11 -34.44
N GLY B 18 -8.48 -4.87 -34.31
CA GLY B 18 -9.89 -4.58 -34.50
C GLY B 18 -10.75 -5.18 -33.42
N LYS B 19 -10.20 -5.30 -32.22
CA LYS B 19 -10.90 -5.89 -31.08
C LYS B 19 -12.31 -5.40 -30.82
N PRO B 20 -12.54 -4.08 -30.84
CA PRO B 20 -13.87 -3.50 -30.60
C PRO B 20 -14.97 -4.07 -31.46
N LEU B 21 -14.62 -4.43 -32.69
CA LEU B 21 -15.59 -4.93 -33.63
C LEU B 21 -15.79 -6.44 -33.61
N LEU B 22 -15.00 -7.16 -32.83
CA LEU B 22 -15.15 -8.63 -32.76
C LEU B 22 -16.57 -9.04 -32.38
N ASP B 23 -17.16 -9.97 -33.14
CA ASP B 23 -18.53 -10.43 -32.87
C ASP B 23 -18.62 -11.34 -31.65
N ILE B 24 -19.60 -11.06 -30.80
CA ILE B 24 -19.85 -11.86 -29.61
C ILE B 24 -21.35 -12.15 -29.65
N VAL B 25 -21.70 -13.44 -29.76
CA VAL B 25 -23.08 -13.91 -29.88
C VAL B 25 -23.99 -12.95 -30.65
N GLY B 26 -23.51 -12.47 -31.79
CA GLY B 26 -24.33 -11.59 -32.60
C GLY B 26 -24.09 -10.09 -32.59
N LYS B 27 -23.31 -9.58 -31.63
CA LYS B 27 -23.06 -8.15 -31.60
C LYS B 27 -21.58 -7.87 -31.37
N PRO B 28 -21.06 -6.81 -32.02
CA PRO B 28 -19.64 -6.48 -31.84
C PRO B 28 -19.39 -6.12 -30.36
N MET B 29 -18.26 -6.58 -29.80
CA MET B 29 -17.93 -6.37 -28.38
C MET B 29 -18.25 -4.98 -27.86
N ILE B 30 -17.79 -3.96 -28.58
CA ILE B 30 -18.04 -2.59 -28.15
C ILE B 30 -19.52 -2.32 -27.91
N GLN B 31 -20.41 -3.02 -28.61
CA GLN B 31 -21.85 -2.81 -28.45
C GLN B 31 -22.33 -3.35 -27.11
N HIS B 32 -21.80 -4.51 -26.73
CA HIS B 32 -22.16 -5.11 -25.46
C HIS B 32 -21.79 -4.16 -24.32
N VAL B 33 -20.62 -3.53 -24.41
CA VAL B 33 -20.20 -2.62 -23.36
C VAL B 33 -21.05 -1.34 -23.36
N TYR B 34 -21.38 -0.87 -24.55
CA TYR B 34 -22.17 0.35 -24.68
C TYR B 34 -23.60 0.16 -24.17
N GLU B 35 -24.25 -0.92 -24.61
CA GLU B 35 -25.62 -1.16 -24.19
C GLU B 35 -25.71 -1.30 -22.70
N ARG B 36 -24.74 -1.96 -22.09
CA ARG B 36 -24.79 -2.11 -20.64
C ARG B 36 -24.53 -0.78 -19.95
N ALA B 37 -23.67 0.05 -20.53
CA ALA B 37 -23.39 1.35 -19.94
C ALA B 37 -24.70 2.13 -19.91
N LEU B 38 -25.56 1.90 -20.91
CA LEU B 38 -26.85 2.59 -20.99
C LEU B 38 -27.82 2.18 -19.88
N GLN B 39 -27.62 0.99 -19.34
CA GLN B 39 -28.50 0.52 -18.27
C GLN B 39 -28.12 1.10 -16.89
N VAL B 40 -27.01 1.81 -16.83
CA VAL B 40 -26.56 2.42 -15.58
C VAL B 40 -27.35 3.70 -15.28
N ALA B 41 -28.02 3.72 -14.15
CA ALA B 41 -28.81 4.90 -13.78
C ALA B 41 -27.93 6.03 -13.23
N GLY B 42 -28.43 7.25 -13.39
CA GLY B 42 -27.69 8.43 -12.93
C GLY B 42 -26.65 9.00 -13.90
N VAL B 43 -26.51 8.39 -15.07
CA VAL B 43 -25.57 8.84 -16.06
C VAL B 43 -26.27 9.60 -17.17
N ALA B 44 -25.77 10.80 -17.45
CA ALA B 44 -26.34 11.65 -18.48
C ALA B 44 -25.91 11.31 -19.93
N GLU B 45 -24.66 10.90 -20.13
CA GLU B 45 -24.21 10.59 -21.49
C GLU B 45 -23.22 9.43 -21.53
N VAL B 46 -23.30 8.63 -22.59
CA VAL B 46 -22.37 7.52 -22.75
C VAL B 46 -21.62 7.68 -24.08
N TRP B 47 -20.30 7.73 -24.00
CA TRP B 47 -19.49 7.87 -25.19
C TRP B 47 -18.44 6.79 -25.36
N VAL B 48 -18.19 6.52 -26.63
CA VAL B 48 -17.19 5.56 -27.05
C VAL B 48 -16.11 6.47 -27.64
N ALA B 49 -14.95 6.50 -27.01
CA ALA B 49 -13.85 7.32 -27.49
C ALA B 49 -12.99 6.42 -28.36
N THR B 50 -13.03 6.63 -29.68
CA THR B 50 -12.25 5.81 -30.58
C THR B 50 -11.24 6.63 -31.39
N ASP B 51 -10.43 5.93 -32.18
CA ASP B 51 -9.39 6.56 -32.99
C ASP B 51 -9.53 6.22 -34.47
N ASP B 52 -10.36 5.21 -34.76
CA ASP B 52 -10.55 4.76 -36.12
C ASP B 52 -11.96 4.95 -36.65
N PRO B 53 -12.09 5.42 -37.91
CA PRO B 53 -13.39 5.65 -38.55
C PRO B 53 -14.30 4.43 -38.60
N ARG B 54 -13.71 3.24 -38.64
CA ARG B 54 -14.50 2.00 -38.68
C ARG B 54 -15.23 1.73 -37.36
N VAL B 55 -14.60 2.06 -36.24
CA VAL B 55 -15.21 1.91 -34.92
C VAL B 55 -16.30 2.94 -34.85
N GLU B 56 -15.97 4.20 -35.18
CA GLU B 56 -16.96 5.26 -35.19
C GLU B 56 -18.23 4.89 -36.01
N GLN B 57 -18.05 4.24 -37.17
CA GLN B 57 -19.19 3.86 -38.02
C GLN B 57 -20.02 2.78 -37.32
N ALA B 58 -19.32 1.80 -36.77
CA ALA B 58 -19.97 0.71 -36.09
C ALA B 58 -20.81 1.19 -34.91
N VAL B 59 -20.30 2.15 -34.16
CA VAL B 59 -21.01 2.68 -33.01
C VAL B 59 -22.24 3.46 -33.45
N GLN B 60 -22.14 4.22 -34.53
CA GLN B 60 -23.28 5.00 -34.98
C GLN B 60 -24.37 4.15 -35.64
N ALA B 61 -23.97 3.03 -36.24
CA ALA B 61 -24.90 2.15 -36.93
C ALA B 61 -25.88 1.46 -35.97
N PHE B 62 -25.47 1.25 -34.73
CA PHE B 62 -26.38 0.62 -33.78
C PHE B 62 -26.96 1.66 -32.84
N GLY B 63 -26.86 2.93 -33.25
CA GLY B 63 -27.44 4.02 -32.48
C GLY B 63 -26.57 4.69 -31.43
N GLY B 64 -25.37 4.17 -31.19
CA GLY B 64 -24.50 4.76 -30.19
C GLY B 64 -23.92 6.09 -30.56
N LYS B 65 -23.29 6.74 -29.57
CA LYS B 65 -22.59 8.03 -29.69
C LYS B 65 -21.07 7.80 -29.67
N ALA B 66 -20.35 8.36 -30.64
CA ALA B 66 -18.90 8.18 -30.67
C ALA B 66 -18.21 9.51 -30.81
N ILE B 67 -16.97 9.57 -30.32
CA ILE B 67 -16.19 10.80 -30.40
C ILE B 67 -14.77 10.44 -30.82
N MET B 68 -14.32 11.02 -31.93
CA MET B 68 -12.97 10.76 -32.43
C MET B 68 -11.90 11.38 -31.52
N THR B 69 -10.77 10.70 -31.35
CA THR B 69 -9.69 11.20 -30.50
C THR B 69 -8.31 10.88 -31.11
N ARG B 70 -7.26 11.56 -30.65
CA ARG B 70 -5.90 11.33 -31.19
C ARG B 70 -5.53 9.87 -31.26
N ASN B 71 -5.00 9.46 -32.40
CA ASN B 71 -4.61 8.08 -32.62
C ASN B 71 -3.24 7.73 -32.10
N ASP B 72 -2.67 8.60 -31.27
CA ASP B 72 -1.35 8.34 -30.71
C ASP B 72 -1.31 8.43 -29.20
N HIS B 73 -2.45 8.21 -28.56
CA HIS B 73 -2.51 8.22 -27.10
C HIS B 73 -1.85 6.93 -26.63
N GLU B 74 -1.19 7.00 -25.48
CA GLU B 74 -0.50 5.84 -24.93
C GLU B 74 -1.38 4.93 -24.06
N SER B 75 -2.57 5.39 -23.69
CA SER B 75 -3.43 4.57 -22.86
C SER B 75 -4.84 5.12 -22.80
N GLY B 76 -5.79 4.27 -22.45
CA GLY B 76 -7.16 4.71 -22.35
C GLY B 76 -7.35 5.92 -21.46
N THR B 77 -6.55 6.03 -20.41
CA THR B 77 -6.67 7.18 -19.49
C THR B 77 -6.31 8.50 -20.20
N ASP B 78 -5.29 8.45 -21.04
CA ASP B 78 -4.83 9.62 -21.78
C ASP B 78 -5.88 10.08 -22.78
N ARG B 79 -6.65 9.13 -23.30
CA ARG B 79 -7.72 9.41 -24.26
C ARG B 79 -8.90 9.99 -23.47
N LEU B 80 -9.10 9.47 -22.26
CA LEU B 80 -10.18 9.94 -21.43
C LEU B 80 -9.93 11.42 -21.12
N VAL B 81 -8.66 11.80 -20.94
CA VAL B 81 -8.35 13.19 -20.65
C VAL B 81 -8.71 14.07 -21.83
N GLU B 82 -8.51 13.56 -23.04
CA GLU B 82 -8.86 14.35 -24.20
C GLU B 82 -10.37 14.54 -24.21
N VAL B 83 -11.11 13.46 -23.94
CA VAL B 83 -12.57 13.54 -23.96
C VAL B 83 -13.07 14.54 -22.93
N MET B 84 -12.37 14.62 -21.79
CA MET B 84 -12.74 15.49 -20.68
C MET B 84 -12.86 16.95 -21.05
N HIS B 85 -11.91 17.44 -21.85
CA HIS B 85 -11.89 18.82 -22.33
C HIS B 85 -13.06 19.08 -23.27
N LYS B 86 -13.56 18.00 -23.89
CA LYS B 86 -14.68 18.09 -24.83
C LYS B 86 -16.05 17.79 -24.27
N VAL B 87 -16.14 16.97 -23.22
CA VAL B 87 -17.45 16.66 -22.63
C VAL B 87 -17.48 17.11 -21.20
N GLU B 88 -18.29 18.12 -20.91
CA GLU B 88 -18.39 18.67 -19.56
C GLU B 88 -19.15 17.75 -18.64
N ALA B 89 -18.55 17.43 -17.50
CA ALA B 89 -19.17 16.59 -16.50
C ALA B 89 -18.47 16.78 -15.17
N ASP B 90 -19.15 16.41 -14.09
CA ASP B 90 -18.56 16.52 -12.76
C ASP B 90 -17.86 15.20 -12.42
N ILE B 91 -18.40 14.10 -12.94
CA ILE B 91 -17.84 12.78 -12.69
C ILE B 91 -17.68 11.98 -13.99
N TYR B 92 -16.50 11.43 -14.22
CA TYR B 92 -16.30 10.65 -15.43
C TYR B 92 -16.01 9.23 -15.03
N ILE B 93 -16.71 8.29 -15.67
CA ILE B 93 -16.52 6.88 -15.42
C ILE B 93 -15.82 6.28 -16.63
N ASN B 94 -14.69 5.62 -16.38
CA ASN B 94 -13.90 5.02 -17.43
C ASN B 94 -14.20 3.53 -17.42
N LEU B 95 -14.90 3.06 -18.46
CA LEU B 95 -15.28 1.64 -18.60
C LEU B 95 -14.43 0.99 -19.67
N GLN B 96 -13.80 -0.14 -19.36
CA GLN B 96 -12.96 -0.82 -20.35
C GLN B 96 -13.80 -1.30 -21.54
N GLY B 97 -13.28 -1.11 -22.74
CA GLY B 97 -13.99 -1.53 -23.93
C GLY B 97 -13.85 -3.02 -24.24
N ASP B 98 -12.98 -3.71 -23.54
CA ASP B 98 -12.84 -5.14 -23.82
C ASP B 98 -13.36 -5.99 -22.69
N GLU B 99 -14.26 -5.43 -21.87
CA GLU B 99 -14.87 -6.14 -20.76
C GLU B 99 -16.38 -6.03 -20.91
N PRO B 100 -16.96 -6.88 -21.76
CA PRO B 100 -18.40 -6.88 -22.04
C PRO B 100 -19.31 -7.59 -21.03
N MET B 101 -18.73 -8.27 -20.05
CA MET B 101 -19.55 -8.96 -19.05
C MET B 101 -19.80 -8.06 -17.84
N ILE B 102 -19.46 -6.78 -18.00
CA ILE B 102 -19.65 -5.79 -16.94
C ILE B 102 -21.11 -5.78 -16.44
N ARG B 103 -21.31 -5.57 -15.14
CA ARG B 103 -22.66 -5.53 -14.58
C ARG B 103 -23.08 -4.11 -14.24
N PRO B 104 -24.10 -3.60 -14.93
CA PRO B 104 -24.60 -2.26 -14.70
C PRO B 104 -24.74 -1.92 -13.19
N ARG B 105 -25.21 -2.88 -12.40
CA ARG B 105 -25.38 -2.66 -10.96
C ARG B 105 -24.04 -2.33 -10.32
N ASP B 106 -22.98 -2.92 -10.84
CA ASP B 106 -21.65 -2.67 -10.31
C ASP B 106 -21.22 -1.22 -10.55
N VAL B 107 -21.51 -0.74 -11.75
CA VAL B 107 -21.20 0.64 -12.11
C VAL B 107 -22.01 1.64 -11.29
N GLU B 108 -23.19 1.23 -10.82
CA GLU B 108 -24.05 2.09 -10.01
C GLU B 108 -23.44 2.24 -8.62
N THR B 109 -22.95 1.11 -8.10
CA THR B 109 -22.31 1.07 -6.80
C THR B 109 -21.20 2.11 -6.79
N LEU B 110 -20.39 2.07 -7.85
CA LEU B 110 -19.26 2.96 -8.08
C LEU B 110 -19.67 4.42 -8.08
N LEU B 111 -20.71 4.73 -8.85
CA LEU B 111 -21.24 6.08 -8.93
C LEU B 111 -21.76 6.54 -7.59
N GLN B 112 -22.49 5.66 -6.88
CA GLN B 112 -23.05 5.99 -5.57
C GLN B 112 -21.94 6.36 -4.60
N GLY B 113 -20.82 5.65 -4.71
CA GLY B 113 -19.68 5.93 -3.85
C GLY B 113 -19.18 7.34 -4.04
N MET B 114 -19.13 7.80 -5.29
CA MET B 114 -18.68 9.15 -5.60
C MET B 114 -19.67 10.17 -5.05
N ARG B 115 -20.95 9.93 -5.29
CA ARG B 115 -21.98 10.85 -4.80
C ARG B 115 -22.20 10.88 -3.29
N ASP B 116 -21.97 9.76 -2.61
CA ASP B 116 -22.15 9.75 -1.16
C ASP B 116 -21.04 10.53 -0.46
N ASP B 117 -19.93 10.71 -1.16
CA ASP B 117 -18.79 11.43 -0.61
C ASP B 117 -18.20 12.29 -1.70
N PRO B 118 -18.65 13.54 -1.80
CA PRO B 118 -18.17 14.47 -2.81
C PRO B 118 -16.69 14.85 -2.70
N ALA B 119 -16.04 14.41 -1.62
CA ALA B 119 -14.64 14.71 -1.43
C ALA B 119 -13.75 13.61 -2.03
N LEU B 120 -14.35 12.48 -2.35
CA LEU B 120 -13.65 11.34 -2.95
C LEU B 120 -13.17 11.66 -4.37
N PRO B 121 -11.86 11.67 -4.60
CA PRO B 121 -11.27 11.97 -5.93
C PRO B 121 -11.46 10.87 -6.97
N VAL B 122 -11.08 9.65 -6.58
CA VAL B 122 -11.20 8.53 -7.49
C VAL B 122 -11.86 7.33 -6.80
N ALA B 123 -12.59 6.54 -7.59
CA ALA B 123 -13.21 5.35 -7.05
C ALA B 123 -12.97 4.22 -8.01
N THR B 124 -12.84 3.01 -7.48
CA THR B 124 -12.68 1.84 -8.33
C THR B 124 -13.32 0.58 -7.69
N LEU B 125 -13.25 -0.55 -8.38
CA LEU B 125 -13.86 -1.80 -7.90
C LEU B 125 -12.86 -2.90 -7.60
N CYS B 126 -13.29 -3.87 -6.80
CA CYS B 126 -12.45 -5.03 -6.48
C CYS B 126 -13.31 -6.20 -6.01
N HIS B 127 -12.81 -7.42 -6.14
CA HIS B 127 -13.57 -8.57 -5.69
C HIS B 127 -12.63 -9.66 -5.14
N ALA B 128 -13.12 -10.45 -4.19
CA ALA B 128 -12.33 -11.51 -3.57
C ALA B 128 -11.81 -12.58 -4.55
N ILE B 129 -10.62 -13.11 -4.25
CA ILE B 129 -9.98 -14.15 -5.07
C ILE B 129 -9.19 -15.04 -4.12
N SER B 130 -8.87 -16.26 -4.54
CA SER B 130 -8.12 -17.18 -3.68
C SER B 130 -6.65 -16.78 -3.62
N ALA B 131 -5.92 -17.39 -2.71
CA ALA B 131 -4.49 -17.16 -2.56
C ALA B 131 -3.76 -17.73 -3.78
N ALA B 132 -4.32 -18.82 -4.33
CA ALA B 132 -3.72 -19.43 -5.51
C ALA B 132 -3.81 -18.40 -6.64
N GLU B 133 -4.98 -17.79 -6.77
CA GLU B 133 -5.20 -16.80 -7.79
C GLU B 133 -4.30 -15.58 -7.57
N ALA B 134 -4.17 -15.14 -6.31
CA ALA B 134 -3.36 -13.97 -5.98
C ALA B 134 -1.90 -14.12 -6.33
N ALA B 135 -1.46 -15.36 -6.57
CA ALA B 135 -0.06 -15.63 -6.93
C ALA B 135 0.33 -15.18 -8.34
N GLU B 136 -0.66 -15.03 -9.21
CA GLU B 136 -0.44 -14.62 -10.59
C GLU B 136 -0.13 -13.13 -10.73
N PRO B 137 1.05 -12.80 -11.27
CA PRO B 137 1.38 -11.38 -11.42
C PRO B 137 0.51 -10.71 -12.46
N SER B 138 -0.14 -11.51 -13.32
CA SER B 138 -1.03 -10.93 -14.33
C SER B 138 -2.31 -10.41 -13.68
N THR B 139 -2.59 -10.89 -12.47
CA THR B 139 -3.78 -10.48 -11.70
C THR B 139 -3.28 -9.45 -10.72
N VAL B 140 -3.93 -8.28 -10.70
CA VAL B 140 -3.52 -7.20 -9.79
C VAL B 140 -4.21 -7.30 -8.42
N LYS B 141 -3.42 -7.16 -7.36
CA LYS B 141 -3.95 -7.21 -6.00
C LYS B 141 -4.06 -5.81 -5.39
N VAL B 142 -5.05 -5.60 -4.54
CA VAL B 142 -5.18 -4.32 -3.87
C VAL B 142 -5.42 -4.60 -2.39
N VAL B 143 -4.81 -3.77 -1.54
CA VAL B 143 -4.95 -3.88 -0.10
C VAL B 143 -5.70 -2.64 0.38
N VAL B 144 -6.73 -2.85 1.20
CA VAL B 144 -7.58 -1.76 1.68
C VAL B 144 -7.71 -1.62 3.19
N ASN B 145 -8.01 -0.40 3.64
CA ASN B 145 -8.19 -0.14 5.07
C ASN B 145 -9.67 -0.22 5.41
N THR B 146 -9.98 0.09 6.67
CA THR B 146 -11.36 0.04 7.15
C THR B 146 -12.34 0.90 6.33
N ARG B 147 -11.92 2.09 5.90
CA ARG B 147 -12.77 2.94 5.09
C ARG B 147 -12.74 2.49 3.62
N GLN B 148 -11.98 1.42 3.36
CA GLN B 148 -11.89 0.88 2.01
C GLN B 148 -11.00 1.67 1.05
N ASP B 149 -10.15 2.55 1.57
CA ASP B 149 -9.24 3.29 0.69
C ASP B 149 -8.13 2.33 0.31
N ALA B 150 -7.63 2.45 -0.90
CA ALA B 150 -6.56 1.58 -1.34
C ALA B 150 -5.27 2.00 -0.68
N LEU B 151 -4.50 1.01 -0.25
CA LEU B 151 -3.20 1.26 0.33
C LEU B 151 -2.14 1.13 -0.76
N TYR B 152 -2.30 0.14 -1.63
CA TYR B 152 -1.33 -0.06 -2.69
C TYR B 152 -1.91 -1.06 -3.74
N PHE B 153 -1.49 -0.93 -5.01
CA PHE B 153 -1.93 -1.87 -6.06
C PHE B 153 -0.65 -2.56 -6.45
N SER B 154 -0.64 -3.88 -6.34
CA SER B 154 0.56 -4.65 -6.64
C SER B 154 0.30 -5.96 -7.38
N ARG B 155 1.32 -6.41 -8.10
CA ARG B 155 1.24 -7.68 -8.82
C ARG B 155 1.85 -8.74 -7.89
N SER B 156 2.44 -8.27 -6.78
CA SER B 156 2.99 -9.18 -5.78
C SER B 156 1.81 -9.64 -4.93
N PRO B 157 1.87 -10.85 -4.35
CA PRO B 157 0.74 -11.28 -3.54
C PRO B 157 0.74 -10.55 -2.21
N ILE B 158 -0.12 -9.55 -2.04
CA ILE B 158 -0.21 -8.84 -0.77
C ILE B 158 -1.64 -8.88 -0.25
N PRO B 159 -1.79 -9.04 1.06
CA PRO B 159 -0.74 -9.18 2.08
C PRO B 159 0.06 -10.48 2.02
N TYR B 160 1.29 -10.43 2.53
CA TYR B 160 2.18 -11.59 2.60
C TYR B 160 1.61 -12.58 3.64
N PRO B 161 1.57 -13.88 3.31
CA PRO B 161 1.03 -14.89 4.22
C PRO B 161 1.91 -15.43 5.36
N ARG B 162 2.32 -14.55 6.27
CA ARG B 162 3.12 -14.97 7.41
C ARG B 162 2.24 -16.00 8.13
N ASN B 163 0.97 -15.65 8.29
CA ASN B 163 -0.02 -16.54 8.88
C ASN B 163 -1.08 -16.71 7.79
N ALA B 164 -0.80 -17.62 6.86
CA ALA B 164 -1.69 -17.85 5.72
C ALA B 164 -3.19 -17.94 6.03
N GLU B 165 -3.61 -18.62 7.09
CA GLU B 165 -5.07 -18.70 7.34
C GLU B 165 -5.68 -17.35 7.72
N LYS B 166 -4.84 -16.33 7.91
CA LYS B 166 -5.31 -14.98 8.26
C LYS B 166 -5.42 -14.08 7.03
N ALA B 167 -4.78 -14.49 5.93
CA ALA B 167 -4.78 -13.69 4.72
C ALA B 167 -6.05 -13.73 3.87
N ARG B 168 -6.46 -12.56 3.42
CA ARG B 168 -7.63 -12.38 2.56
C ARG B 168 -7.18 -11.57 1.32
N TYR B 169 -7.49 -12.08 0.12
CA TYR B 169 -7.07 -11.42 -1.11
C TYR B 169 -8.14 -10.73 -1.93
N LEU B 170 -7.74 -9.69 -2.68
CA LEU B 170 -8.62 -8.89 -3.54
C LEU B 170 -8.07 -8.54 -4.93
N LYS B 171 -8.83 -8.86 -5.98
CA LYS B 171 -8.43 -8.54 -7.35
C LYS B 171 -9.00 -7.20 -7.68
N HIS B 172 -8.22 -6.40 -8.38
CA HIS B 172 -8.66 -5.08 -8.76
C HIS B 172 -9.38 -5.13 -10.11
N VAL B 173 -10.60 -4.60 -10.14
CA VAL B 173 -11.38 -4.57 -11.37
C VAL B 173 -11.15 -3.17 -11.96
N GLY B 174 -10.56 -3.14 -13.14
CA GLY B 174 -10.24 -1.87 -13.78
C GLY B 174 -11.28 -0.88 -14.24
N ILE B 175 -12.25 -0.57 -13.40
CA ILE B 175 -13.26 0.43 -13.78
C ILE B 175 -12.90 1.65 -12.93
N TYR B 176 -13.00 2.85 -13.49
CA TYR B 176 -12.68 4.03 -12.70
C TYR B 176 -13.72 5.14 -12.80
N ALA B 177 -13.86 5.87 -11.69
CA ALA B 177 -14.77 7.00 -11.59
C ALA B 177 -13.84 8.11 -11.14
N TYR B 178 -13.82 9.23 -11.85
CA TYR B 178 -12.94 10.36 -11.52
C TYR B 178 -13.67 11.68 -11.35
N ARG B 179 -13.22 12.45 -10.38
CA ARG B 179 -13.78 13.78 -10.22
C ARG B 179 -13.17 14.56 -11.37
N ARG B 180 -13.85 15.61 -11.82
CA ARG B 180 -13.35 16.43 -12.92
C ARG B 180 -11.98 17.03 -12.60
N ASP B 181 -11.83 17.67 -11.43
CA ASP B 181 -10.54 18.29 -11.09
C ASP B 181 -9.34 17.37 -11.20
N VAL B 182 -9.56 16.08 -10.96
CA VAL B 182 -8.47 15.13 -11.06
C VAL B 182 -8.01 14.93 -12.51
N LEU B 183 -8.94 14.95 -13.47
CA LEU B 183 -8.56 14.80 -14.88
C LEU B 183 -7.91 16.07 -15.43
N GLN B 184 -8.32 17.23 -14.89
CA GLN B 184 -7.81 18.55 -15.29
C GLN B 184 -6.33 18.73 -14.89
N ASN B 185 -5.92 18.12 -13.78
CA ASN B 185 -4.54 18.19 -13.30
C ASN B 185 -3.69 17.00 -13.76
N TYR B 186 -4.31 15.99 -14.35
CA TYR B 186 -3.62 14.78 -14.76
C TYR B 186 -2.33 14.85 -15.57
N SER B 187 -2.36 15.54 -16.70
CA SER B 187 -1.17 15.60 -17.53
C SER B 187 0.02 16.20 -16.84
N GLN B 188 -0.20 16.80 -15.67
CA GLN B 188 0.89 17.43 -14.93
C GLN B 188 1.59 16.47 -13.99
N LEU B 189 0.96 15.33 -13.74
CA LEU B 189 1.55 14.37 -12.83
C LEU B 189 2.70 13.61 -13.48
N PRO B 190 3.83 13.48 -12.77
CA PRO B 190 5.00 12.77 -13.25
C PRO B 190 4.80 11.27 -13.05
N GLU B 191 5.45 10.46 -13.88
CA GLU B 191 5.36 9.01 -13.74
C GLU B 191 6.20 8.68 -12.50
N SER B 192 5.80 7.69 -11.70
CA SER B 192 6.54 7.37 -10.49
C SER B 192 7.27 6.04 -10.57
N MET B 193 8.27 5.85 -9.72
CA MET B 193 9.05 4.62 -9.71
C MET B 193 8.16 3.39 -9.47
N PRO B 194 7.26 3.43 -8.45
CA PRO B 194 6.41 2.24 -8.27
C PRO B 194 5.65 1.92 -9.58
N GLU B 195 5.04 2.95 -10.19
CA GLU B 195 4.31 2.81 -11.46
C GLU B 195 5.15 2.20 -12.60
N GLN B 196 6.39 2.64 -12.75
CA GLN B 196 7.24 2.10 -13.81
C GLN B 196 7.73 0.68 -13.51
N ALA B 197 8.03 0.41 -12.24
CA ALA B 197 8.49 -0.90 -11.82
C ALA B 197 7.36 -1.93 -11.90
N GLU B 198 6.20 -1.58 -11.34
CA GLU B 198 5.04 -2.47 -11.32
C GLU B 198 4.29 -2.52 -12.63
N SER B 199 4.49 -1.47 -13.43
CA SER B 199 3.78 -1.32 -14.70
C SER B 199 2.28 -1.19 -14.37
N LEU B 200 1.97 -0.29 -13.43
CA LEU B 200 0.59 -0.05 -13.02
C LEU B 200 0.31 1.44 -12.96
N GLU B 201 -0.29 1.97 -14.02
CA GLU B 201 -0.61 3.39 -14.13
C GLU B 201 -1.35 4.00 -12.94
N GLN B 202 -2.21 3.26 -12.25
CA GLN B 202 -2.96 3.84 -11.13
C GLN B 202 -2.02 4.28 -10.03
N LEU B 203 -0.84 3.66 -9.96
CA LEU B 203 0.14 4.04 -8.96
C LEU B 203 0.56 5.51 -9.08
N ARG B 204 0.42 6.09 -10.28
CA ARG B 204 0.78 7.50 -10.49
C ARG B 204 -0.07 8.41 -9.61
N LEU B 205 -1.31 7.98 -9.39
CA LEU B 205 -2.25 8.72 -8.57
C LEU B 205 -1.87 8.66 -7.09
N MET B 206 -1.48 7.47 -6.65
CA MET B 206 -1.12 7.29 -5.26
C MET B 206 0.15 8.07 -4.94
N ASN B 207 1.06 8.12 -5.91
CA ASN B 207 2.32 8.82 -5.74
C ASN B 207 2.05 10.27 -5.38
N ALA B 208 1.14 10.88 -6.14
CA ALA B 208 0.76 12.26 -5.97
C ALA B 208 -0.15 12.53 -4.77
N GLY B 209 -0.49 11.48 -4.02
CA GLY B 209 -1.33 11.62 -2.85
C GLY B 209 -2.84 11.64 -3.13
N ILE B 210 -3.26 11.32 -4.34
CA ILE B 210 -4.69 11.32 -4.66
C ILE B 210 -5.32 10.00 -4.23
N ASN B 211 -6.29 10.08 -3.32
CA ASN B 211 -6.96 8.89 -2.79
C ASN B 211 -7.89 8.14 -3.74
N ILE B 212 -7.81 6.81 -3.68
CA ILE B 212 -8.63 5.94 -4.51
C ILE B 212 -9.41 4.98 -3.61
N ARG B 213 -10.73 5.12 -3.54
CA ARG B 213 -11.51 4.21 -2.68
C ARG B 213 -12.03 3.02 -3.47
N THR B 214 -11.85 1.82 -2.93
CA THR B 214 -12.34 0.64 -3.61
C THR B 214 -13.72 0.30 -3.07
N PHE B 215 -14.43 -0.56 -3.80
CA PHE B 215 -15.79 -1.00 -3.43
C PHE B 215 -15.85 -2.44 -3.88
N GLU B 216 -16.11 -3.35 -2.93
CA GLU B 216 -16.15 -4.77 -3.27
C GLU B 216 -17.44 -5.20 -3.95
N VAL B 217 -17.27 -6.04 -4.97
CA VAL B 217 -18.41 -6.58 -5.72
C VAL B 217 -18.15 -8.06 -5.87
N ALA B 218 -19.15 -8.80 -6.33
CA ALA B 218 -18.98 -10.25 -6.53
C ALA B 218 -17.99 -10.42 -7.65
N ALA B 219 -17.38 -11.61 -7.74
CA ALA B 219 -16.41 -11.93 -8.80
C ALA B 219 -16.90 -11.50 -10.20
N THR B 220 -16.02 -10.91 -10.99
CA THR B 220 -16.44 -10.45 -12.31
C THR B 220 -16.00 -11.32 -13.49
N GLY B 221 -16.82 -11.29 -14.54
CA GLY B 221 -16.55 -12.05 -15.74
C GLY B 221 -15.24 -11.64 -16.36
N PRO B 222 -14.62 -12.55 -17.12
CA PRO B 222 -13.34 -12.31 -17.79
C PRO B 222 -13.34 -11.21 -18.87
N GLY B 223 -12.14 -10.77 -19.21
CA GLY B 223 -11.97 -9.75 -20.24
C GLY B 223 -11.54 -10.40 -21.53
N VAL B 224 -11.46 -9.60 -22.61
CA VAL B 224 -11.09 -10.08 -23.94
C VAL B 224 -9.74 -9.55 -24.42
N ASP B 225 -8.67 -10.27 -24.09
CA ASP B 225 -7.33 -9.85 -24.48
C ASP B 225 -6.74 -10.89 -25.42
N THR B 226 -7.18 -12.14 -25.28
CA THR B 226 -6.67 -13.24 -26.09
C THR B 226 -7.76 -14.02 -26.80
N PRO B 227 -7.44 -14.66 -27.93
CA PRO B 227 -8.40 -15.45 -28.70
C PRO B 227 -9.03 -16.48 -27.77
N ALA B 228 -8.21 -17.03 -26.89
CA ALA B 228 -8.65 -18.02 -25.92
C ALA B 228 -9.71 -17.41 -25.03
N CYS B 229 -9.39 -16.26 -24.45
CA CYS B 229 -10.32 -15.55 -23.58
C CYS B 229 -11.59 -15.15 -24.35
N LEU B 230 -11.44 -14.79 -25.62
CA LEU B 230 -12.59 -14.41 -26.46
C LEU B 230 -13.64 -15.54 -26.60
N GLU B 231 -13.17 -16.76 -26.78
CA GLU B 231 -14.07 -17.91 -26.90
C GLU B 231 -14.76 -18.13 -25.56
N LYS B 232 -14.04 -17.77 -24.49
CA LYS B 232 -14.50 -17.89 -23.13
C LYS B 232 -15.70 -16.97 -22.90
N VAL B 233 -15.57 -15.72 -23.34
CA VAL B 233 -16.64 -14.74 -23.21
C VAL B 233 -17.88 -15.16 -24.04
N ARG B 234 -17.63 -15.71 -25.22
CA ARG B 234 -18.72 -16.16 -26.09
C ARG B 234 -19.51 -17.27 -25.40
N ALA B 235 -18.81 -18.33 -25.03
CA ALA B 235 -19.45 -19.45 -24.36
C ALA B 235 -20.20 -18.96 -23.13
N LEU B 236 -19.60 -18.04 -22.39
CA LEU B 236 -20.20 -17.49 -21.18
C LEU B 236 -21.46 -16.66 -21.44
N MET B 237 -21.34 -15.68 -22.32
CA MET B 237 -22.47 -14.80 -22.64
C MET B 237 -23.61 -15.53 -23.32
N ALA B 238 -23.26 -16.58 -24.08
CA ALA B 238 -24.25 -17.37 -24.80
C ALA B 238 -25.13 -18.11 -23.80
N GLN B 239 -24.48 -18.94 -22.97
CA GLN B 239 -25.22 -19.71 -21.99
C GLN B 239 -26.01 -18.79 -21.09
N GLU B 240 -25.48 -17.62 -20.82
CA GLU B 240 -26.18 -16.67 -19.97
C GLU B 240 -27.56 -16.43 -20.55
N LEU B 241 -27.71 -16.74 -21.84
CA LEU B 241 -28.98 -16.55 -22.51
C LEU B 241 -29.97 -17.73 -22.34
#